data_4N23
#
_entry.id   4N23
#
_cell.length_a   80.866
_cell.length_b   46.718
_cell.length_c   109.474
_cell.angle_alpha   90.000
_cell.angle_beta   104.280
_cell.angle_gamma   90.000
#
_symmetry.space_group_name_H-M   'C 1 2 1'
#
loop_
_entity.id
_entity.type
_entity.pdbx_description
1 polymer 'GP2 Ectodomain'
2 non-polymer (4S)-2-METHYL-2,4-PENTANEDIOL
3 non-polymer (4R)-2-METHYLPENTANE-2,4-DIOL
4 water water
#
_entity_poly.entity_id   1
_entity_poly.type   'polypeptide(L)'
_entity_poly.pdbx_seq_one_letter_code
;MHHHHHHENLYFQGNMKQIEDKIEEILSKIYHIENEIARIKKLIGAIASKIIKTANYTTNALFLLNKEESEIRDHVVEHE
LALNYLLAHQGGLCNVVKGPMCSSDIDDFSKNVSDMIDKVHEEMKKFYHE
;
_entity_poly.pdbx_strand_id   A,B,C
#
# COMPACT_ATOMS: atom_id res chain seq x y z
N GLU A 8 7.74 70.20 -1.98
CA GLU A 8 7.45 70.55 -0.55
C GLU A 8 6.51 69.54 0.08
N ASN A 9 5.29 69.45 -0.46
CA ASN A 9 4.33 68.38 -0.11
C ASN A 9 4.77 67.08 -0.74
N LEU A 10 5.47 67.20 -1.88
CA LEU A 10 5.93 66.07 -2.68
C LEU A 10 6.58 64.93 -1.89
N TYR A 11 7.16 65.26 -0.73
CA TYR A 11 7.77 64.28 0.15
C TYR A 11 6.76 63.61 1.09
N PHE A 12 5.50 63.59 0.65
CA PHE A 12 4.44 62.81 1.29
C PHE A 12 3.59 62.14 0.23
N GLN A 13 3.52 62.77 -0.95
CA GLN A 13 2.81 62.21 -2.09
C GLN A 13 3.55 61.01 -2.66
N GLY A 14 4.79 61.24 -3.09
CA GLY A 14 5.64 60.20 -3.68
C GLY A 14 5.93 59.03 -2.75
N ASN A 15 6.09 59.32 -1.46
CA ASN A 15 6.36 58.28 -0.46
C ASN A 15 5.13 57.45 -0.14
N MET A 16 3.96 58.10 -0.15
CA MET A 16 2.69 57.38 -0.02
C MET A 16 2.41 56.57 -1.28
N LYS A 17 2.84 57.10 -2.44
CA LYS A 17 2.75 56.40 -3.72
C LYS A 17 3.49 55.06 -3.67
N GLN A 18 4.74 55.09 -3.21
CA GLN A 18 5.57 53.89 -3.11
C GLN A 18 4.98 52.88 -2.12
N ILE A 19 4.26 53.39 -1.12
CA ILE A 19 3.51 52.57 -0.19
C ILE A 19 2.37 51.85 -0.91
N GLU A 20 1.57 52.60 -1.68
CA GLU A 20 0.39 52.04 -2.33
C GLU A 20 0.72 50.99 -3.41
N ASP A 21 1.76 51.26 -4.19
CA ASP A 21 2.22 50.30 -5.19
C ASP A 21 2.70 49.01 -4.52
N LYS A 22 3.39 49.15 -3.39
CA LYS A 22 3.97 48.02 -2.67
C LYS A 22 2.93 47.17 -1.94
N ILE A 23 1.89 47.83 -1.41
CA ILE A 23 0.72 47.15 -0.86
C ILE A 23 0.03 46.33 -1.94
N GLU A 24 -0.05 46.89 -3.14
CA GLU A 24 -0.66 46.20 -4.29
C GLU A 24 0.12 44.95 -4.70
N GLU A 25 1.44 44.97 -4.49
CA GLU A 25 2.29 43.81 -4.72
C GLU A 25 2.00 42.72 -3.68
N ILE A 26 1.90 43.13 -2.42
CA ILE A 26 1.56 42.23 -1.31
C ILE A 26 0.23 41.51 -1.57
N LEU A 27 -0.73 42.20 -2.16
CA LEU A 27 -1.99 41.56 -2.54
C LEU A 27 -1.83 40.61 -3.72
N SER A 28 -0.92 40.96 -4.64
CA SER A 28 -0.55 40.04 -5.71
C SER A 28 0.11 38.76 -5.16
N LYS A 29 1.06 38.93 -4.24
CA LYS A 29 1.76 37.80 -3.62
C LYS A 29 0.82 36.95 -2.79
N ILE A 30 -0.09 37.59 -2.06
CA ILE A 30 -1.12 36.87 -1.32
C ILE A 30 -2.00 36.08 -2.27
N TYR A 31 -2.36 36.70 -3.40
CA TYR A 31 -3.20 36.03 -4.40
C TYR A 31 -2.57 34.74 -4.94
N HIS A 32 -1.32 34.83 -5.42
CA HIS A 32 -0.54 33.66 -5.84
C HIS A 32 -0.64 32.56 -4.79
N ILE A 33 -0.28 32.89 -3.54
CA ILE A 33 -0.25 31.97 -2.40
C ILE A 33 -1.57 31.24 -2.18
N GLU A 34 -2.68 31.97 -2.28
CA GLU A 34 -4.02 31.40 -2.07
C GLU A 34 -4.30 30.32 -3.10
N ASN A 35 -4.15 30.66 -4.38
CA ASN A 35 -4.33 29.67 -5.44
C ASN A 35 -3.40 28.44 -5.23
N GLU A 36 -2.20 28.68 -4.70
CA GLU A 36 -1.24 27.61 -4.41
C GLU A 36 -1.76 26.68 -3.32
N ILE A 37 -2.29 27.26 -2.25
CA ILE A 37 -2.84 26.50 -1.13
C ILE A 37 -4.08 25.69 -1.56
N ALA A 38 -5.02 26.32 -2.27
CA ALA A 38 -6.20 25.56 -2.72
C ALA A 38 -5.82 24.34 -3.58
N ARG A 39 -4.71 24.45 -4.31
CA ARG A 39 -4.22 23.39 -5.17
C ARG A 39 -3.51 22.29 -4.39
N ILE A 40 -2.77 22.70 -3.35
CA ILE A 40 -2.12 21.75 -2.46
C ILE A 40 -3.18 20.88 -1.83
N LYS A 41 -4.26 21.50 -1.36
CA LYS A 41 -5.36 20.75 -0.73
C LYS A 41 -5.99 19.80 -1.75
N LYS A 42 -6.18 20.28 -2.97
CA LYS A 42 -6.65 19.41 -4.06
C LYS A 42 -5.77 18.16 -4.20
N LEU A 43 -4.46 18.38 -4.32
CA LEU A 43 -3.52 17.30 -4.52
C LEU A 43 -3.47 16.30 -3.35
N ILE A 44 -3.62 16.80 -2.13
CA ILE A 44 -3.58 15.96 -0.92
C ILE A 44 -4.82 15.08 -0.86
N GLY A 45 -5.97 15.66 -1.19
CA GLY A 45 -7.22 14.89 -1.33
C GLY A 45 -7.06 13.78 -2.37
N ALA A 46 -6.44 14.09 -3.50
CA ALA A 46 -6.27 13.11 -4.57
C ALA A 46 -5.27 12.02 -4.16
N ILE A 47 -4.29 12.41 -3.37
CA ILE A 47 -3.37 11.41 -2.83
C ILE A 47 -4.05 10.47 -1.83
N ALA A 48 -4.80 11.03 -0.89
CA ALA A 48 -5.60 10.25 0.08
C ALA A 48 -6.51 9.24 -0.62
N SER A 49 -7.13 9.69 -1.70
CA SER A 49 -7.99 8.84 -2.51
C SER A 49 -7.26 7.66 -3.15
N LYS A 50 -6.10 7.91 -3.78
CA LYS A 50 -5.29 6.83 -4.36
C LYS A 50 -4.85 5.81 -3.32
N ILE A 51 -4.53 6.29 -2.11
CA ILE A 51 -4.16 5.43 -1.00
C ILE A 51 -5.30 4.48 -0.62
N ILE A 52 -6.51 5.02 -0.40
CA ILE A 52 -7.67 4.17 -0.03
C ILE A 52 -7.90 3.10 -1.10
N LYS A 53 -7.93 3.52 -2.36
CA LYS A 53 -8.25 2.59 -3.45
C LYS A 53 -7.20 1.49 -3.61
N THR A 54 -5.91 1.86 -3.56
CA THR A 54 -4.81 0.87 -3.57
C THR A 54 -4.84 -0.04 -2.35
N ALA A 55 -5.14 0.51 -1.17
CA ALA A 55 -5.19 -0.36 0.02
C ALA A 55 -6.32 -1.37 -0.15
N ASN A 56 -7.45 -0.89 -0.68
CA ASN A 56 -8.60 -1.75 -0.94
CA ASN A 56 -8.58 -1.76 -0.91
C ASN A 56 -8.32 -2.81 -2.00
N TYR A 57 -7.72 -2.40 -3.10
CA TYR A 57 -7.37 -3.43 -4.11
C TYR A 57 -6.44 -4.51 -3.57
N THR A 58 -5.37 -4.04 -2.92
CA THR A 58 -4.33 -4.88 -2.30
C THR A 58 -4.90 -5.83 -1.29
N THR A 59 -5.80 -5.34 -0.44
CA THR A 59 -6.35 -6.19 0.60
C THR A 59 -7.31 -7.21 0.03
N ASN A 60 -8.07 -6.82 -0.99
CA ASN A 60 -8.89 -7.82 -1.65
C ASN A 60 -8.01 -8.96 -2.12
N ALA A 61 -6.91 -8.62 -2.83
CA ALA A 61 -5.97 -9.62 -3.35
C ALA A 61 -5.43 -10.50 -2.24
N LEU A 62 -5.02 -9.90 -1.10
CA LEU A 62 -4.61 -10.69 0.04
C LEU A 62 -5.69 -11.59 0.60
N PHE A 63 -6.92 -11.09 0.70
CA PHE A 63 -8.03 -11.92 1.17
C PHE A 63 -8.20 -13.17 0.33
N LEU A 64 -8.16 -13.02 -1.00
CA LEU A 64 -8.36 -14.15 -1.92
C LEU A 64 -7.15 -15.11 -1.93
N LEU A 65 -5.94 -14.55 -1.87
CA LEU A 65 -4.74 -15.42 -1.70
C LEU A 65 -4.84 -16.26 -0.44
N ASN A 66 -5.20 -15.60 0.67
CA ASN A 66 -5.35 -16.23 1.98
C ASN A 66 -6.37 -17.36 1.99
N LYS A 67 -7.57 -17.07 1.49
CA LYS A 67 -8.68 -18.05 1.48
C LYS A 67 -8.29 -19.24 0.62
N GLU A 68 -7.74 -18.98 -0.58
CA GLU A 68 -7.25 -20.10 -1.39
C GLU A 68 -6.08 -20.88 -0.75
N GLU A 69 -5.18 -20.16 -0.09
CA GLU A 69 -4.08 -20.85 0.62
C GLU A 69 -4.60 -21.82 1.70
N SER A 70 -5.57 -21.35 2.49
CA SER A 70 -6.18 -22.15 3.52
CA SER A 70 -6.17 -22.17 3.53
C SER A 70 -6.89 -23.38 2.94
N GLU A 71 -7.57 -23.20 1.81
CA GLU A 71 -8.20 -24.35 1.16
C GLU A 71 -7.18 -25.36 0.67
N ILE A 72 -6.14 -24.86 0.01
CA ILE A 72 -5.05 -25.70 -0.50
C ILE A 72 -4.37 -26.47 0.64
N ARG A 73 -4.12 -25.78 1.75
CA ARG A 73 -3.49 -26.38 2.91
C ARG A 73 -4.32 -27.56 3.43
N ASP A 74 -5.62 -27.35 3.68
CA ASP A 74 -6.56 -28.41 4.06
C ASP A 74 -6.49 -29.61 3.12
N HIS A 75 -6.28 -29.36 1.83
CA HIS A 75 -6.19 -30.45 0.86
C HIS A 75 -4.83 -31.17 0.94
N VAL A 76 -3.75 -30.42 1.03
CA VAL A 76 -2.43 -31.04 1.24
C VAL A 76 -2.33 -31.82 2.56
N VAL A 77 -2.94 -31.31 3.64
CA VAL A 77 -2.97 -32.05 4.92
C VAL A 77 -3.57 -33.45 4.70
N GLU A 78 -4.68 -33.50 3.97
CA GLU A 78 -5.39 -34.75 3.70
C GLU A 78 -4.63 -35.65 2.74
N HIS A 79 -3.99 -35.06 1.72
CA HIS A 79 -3.12 -35.82 0.81
C HIS A 79 -1.98 -36.53 1.56
N GLU A 80 -1.34 -35.81 2.49
CA GLU A 80 -0.23 -36.35 3.29
C GLU A 80 -0.69 -37.54 4.14
N LEU A 81 -1.89 -37.43 4.70
CA LEU A 81 -2.51 -38.52 5.45
C LEU A 81 -2.68 -39.74 4.56
N ALA A 82 -3.29 -39.52 3.39
CA ALA A 82 -3.55 -40.60 2.43
C ALA A 82 -2.29 -41.11 1.73
N LEU A 83 -1.15 -40.49 2.02
CA LEU A 83 0.11 -41.01 1.50
C LEU A 83 0.82 -41.84 2.57
N ASN A 84 0.70 -41.41 3.83
CA ASN A 84 1.20 -42.15 4.97
C ASN A 84 0.43 -43.46 5.18
N TYR A 85 -0.82 -43.48 4.74
CA TYR A 85 -1.66 -44.66 4.75
C TYR A 85 -1.25 -45.63 3.63
N LEU A 86 -1.06 -45.11 2.41
CA LEU A 86 -0.60 -45.91 1.29
C LEU A 86 0.86 -46.33 1.44
N LEU A 87 1.58 -45.69 2.35
CA LEU A 87 2.95 -46.08 2.68
C LEU A 87 3.05 -46.74 4.06
N ALA A 88 1.91 -47.19 4.59
CA ALA A 88 1.84 -47.77 5.95
C ALA A 88 2.76 -48.97 6.12
N HIS A 89 2.90 -49.73 5.04
CA HIS A 89 3.85 -50.84 4.97
C HIS A 89 5.31 -50.37 4.99
N GLN A 90 5.55 -49.20 4.43
CA GLN A 90 6.91 -48.70 4.20
C GLN A 90 7.32 -47.52 5.09
N GLY A 91 6.81 -47.51 6.32
CA GLY A 91 7.21 -46.54 7.35
C GLY A 91 6.73 -45.10 7.20
N GLY A 92 5.87 -44.85 6.21
CA GLY A 92 5.31 -43.51 5.97
C GLY A 92 6.24 -42.58 5.20
N LEU A 93 5.77 -41.36 4.96
CA LEU A 93 6.55 -40.33 4.24
C LEU A 93 7.81 -39.94 5.00
N CYS A 94 7.68 -39.81 6.32
CA CYS A 94 8.81 -39.53 7.20
C CYS A 94 9.97 -40.52 6.99
N ASN A 95 9.66 -41.62 6.28
CA ASN A 95 10.62 -42.69 6.03
C ASN A 95 10.85 -43.01 4.54
N VAL A 96 9.95 -42.52 3.67
CA VAL A 96 9.98 -42.88 2.24
C VAL A 96 10.48 -41.76 1.30
N VAL A 97 10.33 -40.50 1.71
CA VAL A 97 10.80 -39.37 0.89
C VAL A 97 12.01 -38.65 1.50
N LYS A 98 12.23 -38.87 2.80
CA LYS A 98 13.47 -38.51 3.53
C LYS A 98 14.04 -37.11 3.21
N GLY A 99 13.63 -36.12 3.99
CA GLY A 99 14.15 -34.76 3.88
C GLY A 99 14.95 -34.35 5.11
N PRO A 100 15.37 -33.07 5.18
CA PRO A 100 16.04 -32.51 6.37
C PRO A 100 15.08 -32.37 7.56
N MET A 101 13.82 -32.11 7.25
CA MET A 101 12.74 -32.11 8.24
C MET A 101 11.52 -32.90 7.76
N CYS A 102 11.23 -32.79 6.46
CA CYS A 102 10.19 -33.59 5.77
C CYS A 102 8.78 -33.54 6.37
N SER A 103 8.58 -34.27 7.46
CA SER A 103 7.24 -34.56 7.98
C SER A 103 6.58 -33.43 8.80
N SER A 104 7.39 -32.47 9.28
CA SER A 104 6.87 -31.38 10.13
C SER A 104 5.66 -30.67 9.51
N ASP A 105 4.75 -30.19 10.37
CA ASP A 105 3.46 -29.66 9.94
C ASP A 105 3.56 -28.34 9.15
N ILE A 106 2.47 -28.04 8.47
CA ILE A 106 2.34 -26.83 7.68
C ILE A 106 1.62 -25.77 8.54
N ASP A 107 2.29 -24.64 8.74
CA ASP A 107 1.67 -23.50 9.43
C ASP A 107 0.37 -23.12 8.77
N ASP A 108 -0.59 -22.71 9.59
CA ASP A 108 -1.86 -22.14 9.12
C ASP A 108 -1.89 -20.68 9.54
N PHE A 109 -1.55 -19.79 8.61
CA PHE A 109 -1.55 -18.37 8.94
C PHE A 109 -2.82 -17.63 8.47
N SER A 110 -3.92 -18.35 8.18
CA SER A 110 -5.13 -17.67 7.66
C SER A 110 -5.71 -16.64 8.61
N LYS A 111 -5.74 -16.96 9.90
CA LYS A 111 -6.24 -16.01 10.90
C LYS A 111 -5.34 -14.79 11.03
N ASN A 112 -4.03 -15.00 10.97
CA ASN A 112 -3.08 -13.87 11.14
C ASN A 112 -3.09 -12.91 9.96
N VAL A 113 -3.25 -13.46 8.76
CA VAL A 113 -3.43 -12.67 7.55
C VAL A 113 -4.79 -11.95 7.57
N SER A 114 -5.87 -12.66 7.97
CA SER A 114 -7.19 -12.00 8.15
C SER A 114 -7.13 -10.82 9.13
N ASP A 115 -6.25 -10.95 10.10
CA ASP A 115 -6.08 -9.91 11.09
C ASP A 115 -5.34 -8.75 10.49
N MET A 116 -4.36 -9.02 9.62
CA MET A 116 -3.67 -7.94 8.90
C MET A 116 -4.62 -7.25 7.92
N ILE A 117 -5.52 -8.03 7.30
CA ILE A 117 -6.57 -7.39 6.47
C ILE A 117 -7.46 -6.48 7.32
N ASP A 118 -7.88 -6.99 8.48
CA ASP A 118 -8.68 -6.18 9.42
C ASP A 118 -8.01 -4.85 9.81
N LYS A 119 -6.68 -4.87 9.99
CA LYS A 119 -5.97 -3.68 10.44
C LYS A 119 -5.88 -2.66 9.32
N VAL A 120 -5.68 -3.12 8.08
CA VAL A 120 -5.69 -2.20 6.91
C VAL A 120 -7.07 -1.53 6.78
N HIS A 121 -8.13 -2.34 6.89
CA HIS A 121 -9.51 -1.86 6.81
C HIS A 121 -9.79 -0.87 7.91
N GLU A 122 -9.31 -1.15 9.11
CA GLU A 122 -9.42 -0.18 10.21
C GLU A 122 -8.73 1.15 9.91
N GLU A 123 -7.53 1.07 9.33
CA GLU A 123 -6.77 2.26 8.98
C GLU A 123 -7.47 3.09 7.90
N MET A 124 -8.11 2.43 6.93
CA MET A 124 -8.83 3.21 5.92
C MET A 124 -10.09 3.88 6.50
N LYS A 125 -10.82 3.23 7.40
CA LYS A 125 -12.00 3.86 8.02
C LYS A 125 -11.64 5.22 8.56
N LYS A 126 -10.39 5.33 9.02
CA LYS A 126 -9.81 6.56 9.56
C LYS A 126 -9.77 7.74 8.61
N PHE A 127 -9.55 7.46 7.33
CA PHE A 127 -9.51 8.50 6.29
C PHE A 127 -10.84 9.23 6.13
N TYR A 128 -11.89 8.72 6.75
CA TYR A 128 -13.23 9.24 6.52
C TYR A 128 -13.65 10.19 7.64
N HIS A 129 -12.68 10.53 8.47
CA HIS A 129 -12.95 11.33 9.66
C HIS A 129 -12.04 12.53 9.75
N GLU A 130 -10.75 12.30 9.48
CA GLU A 130 -9.68 13.30 9.67
C GLU A 130 -10.14 14.75 9.57
N ASN B 9 -4.69 68.14 2.61
CA ASN B 9 -4.63 67.98 4.08
C ASN B 9 -5.42 66.76 4.55
N LEU B 10 -6.72 66.75 4.27
CA LEU B 10 -7.56 65.59 4.58
C LEU B 10 -7.38 64.50 3.52
N TYR B 11 -6.84 64.89 2.36
CA TYR B 11 -6.42 63.95 1.34
C TYR B 11 -5.30 63.04 1.85
N PHE B 12 -4.38 63.62 2.63
CA PHE B 12 -3.27 62.88 3.23
C PHE B 12 -3.77 61.93 4.32
N GLN B 13 -4.46 62.50 5.31
CA GLN B 13 -4.97 61.74 6.45
C GLN B 13 -5.95 60.63 6.01
N GLY B 14 -6.82 60.96 5.06
CA GLY B 14 -7.79 60.01 4.51
C GLY B 14 -7.14 58.85 3.77
N ASN B 15 -6.10 59.15 3.00
CA ASN B 15 -5.35 58.11 2.29
C ASN B 15 -4.51 57.23 3.22
N MET B 16 -4.09 57.81 4.34
CA MET B 16 -3.39 57.07 5.37
C MET B 16 -4.34 56.08 6.06
N LYS B 17 -5.59 56.51 6.23
CA LYS B 17 -6.66 55.67 6.76
C LYS B 17 -6.88 54.47 5.84
N GLN B 18 -6.94 54.74 4.54
CA GLN B 18 -7.15 53.71 3.53
C GLN B 18 -6.04 52.67 3.58
N ILE B 19 -4.80 53.15 3.69
CA ILE B 19 -3.62 52.30 3.78
C ILE B 19 -3.64 51.44 5.04
N GLU B 20 -3.94 52.05 6.19
CA GLU B 20 -4.02 51.31 7.45
C GLU B 20 -5.11 50.23 7.41
N ASP B 21 -6.22 50.54 6.73
CA ASP B 21 -7.30 49.58 6.51
C ASP B 21 -6.87 48.40 5.64
N LYS B 22 -6.10 48.67 4.59
CA LYS B 22 -5.59 47.63 3.69
C LYS B 22 -4.59 46.71 4.39
N ILE B 23 -3.74 47.30 5.25
CA ILE B 23 -2.84 46.53 6.09
C ILE B 23 -3.63 45.57 6.99
N GLU B 24 -4.74 46.06 7.55
CA GLU B 24 -5.64 45.26 8.40
C GLU B 24 -6.22 44.06 7.64
N GLU B 25 -6.60 44.27 6.39
CA GLU B 25 -7.13 43.20 5.53
C GLU B 25 -6.03 42.22 5.13
N ILE B 26 -4.84 42.74 4.85
CA ILE B 26 -3.68 41.94 4.47
C ILE B 26 -3.24 41.01 5.61
N LEU B 27 -3.10 41.58 6.81
CA LEU B 27 -2.63 40.83 7.97
C LEU B 27 -3.60 39.74 8.43
N SER B 28 -4.89 39.94 8.20
CA SER B 28 -5.88 38.91 8.47
C SER B 28 -5.87 37.80 7.42
N LYS B 29 -5.64 38.17 6.15
CA LYS B 29 -5.46 37.19 5.09
C LYS B 29 -4.24 36.31 5.38
N ILE B 30 -3.12 36.95 5.72
CA ILE B 30 -1.89 36.22 6.06
C ILE B 30 -2.08 35.25 7.23
N TYR B 31 -2.89 35.64 8.21
CA TYR B 31 -3.23 34.78 9.35
C TYR B 31 -3.99 33.51 8.94
N HIS B 32 -5.10 33.68 8.21
CA HIS B 32 -5.85 32.54 7.69
C HIS B 32 -4.93 31.62 6.87
N ILE B 33 -4.09 32.21 6.01
CA ILE B 33 -3.02 31.49 5.32
C ILE B 33 -2.20 30.63 6.28
N GLU B 34 -1.66 31.25 7.32
CA GLU B 34 -0.83 30.56 8.30
C GLU B 34 -1.60 29.45 9.04
N ASN B 35 -2.90 29.67 9.23
CA ASN B 35 -3.78 28.64 9.78
C ASN B 35 -3.99 27.49 8.79
N GLU B 36 -4.04 27.80 7.49
CA GLU B 36 -4.20 26.77 6.46
C GLU B 36 -2.94 25.95 6.29
N ILE B 37 -1.78 26.59 6.40
CA ILE B 37 -0.50 25.89 6.37
C ILE B 37 -0.36 24.91 7.54
N ALA B 38 -0.86 25.30 8.72
CA ALA B 38 -0.82 24.44 9.90
C ALA B 38 -1.73 23.22 9.76
N ARG B 39 -2.89 23.40 9.15
CA ARG B 39 -3.81 22.29 8.89
C ARG B 39 -3.29 21.35 7.82
N ILE B 40 -2.55 21.90 6.85
CA ILE B 40 -1.95 21.11 5.77
C ILE B 40 -0.82 20.24 6.31
N LYS B 41 0.06 20.80 7.14
CA LYS B 41 1.16 20.01 7.75
C LYS B 41 0.66 18.86 8.62
N LYS B 42 -0.44 19.11 9.34
CA LYS B 42 -1.10 18.09 10.16
C LYS B 42 -1.60 16.93 9.30
N LEU B 43 -2.20 17.27 8.16
CA LEU B 43 -2.71 16.28 7.23
C LEU B 43 -1.60 15.47 6.58
N ILE B 44 -0.54 16.12 6.11
CA ILE B 44 0.53 15.40 5.41
C ILE B 44 1.21 14.37 6.35
N GLY B 45 1.42 14.75 7.61
CA GLY B 45 2.01 13.85 8.60
C GLY B 45 1.08 12.69 8.92
N ALA B 46 -0.21 12.98 9.12
CA ALA B 46 -1.21 11.93 9.35
C ALA B 46 -1.26 10.96 8.18
N ILE B 47 -1.20 11.50 6.96
CA ILE B 47 -1.13 10.66 5.75
C ILE B 47 0.14 9.77 5.72
N ALA B 48 1.29 10.36 5.99
CA ALA B 48 2.55 9.57 6.06
C ALA B 48 2.42 8.39 7.02
N SER B 49 1.82 8.65 8.17
CA SER B 49 1.65 7.66 9.21
C SER B 49 0.76 6.50 8.80
N LYS B 50 -0.30 6.79 8.04
CA LYS B 50 -1.17 5.74 7.51
C LYS B 50 -0.49 4.90 6.42
N ILE B 51 0.29 5.55 5.58
CA ILE B 51 1.04 4.82 4.56
C ILE B 51 1.98 3.77 5.23
N ILE B 52 2.76 4.22 6.21
CA ILE B 52 3.68 3.34 6.97
C ILE B 52 2.93 2.20 7.65
N LYS B 53 1.83 2.54 8.33
CA LYS B 53 1.07 1.55 9.10
CA LYS B 53 1.10 1.54 9.09
C LYS B 53 0.44 0.54 8.17
N THR B 54 -0.14 1.04 7.08
CA THR B 54 -0.78 0.21 6.06
C THR B 54 0.22 -0.68 5.43
N ALA B 55 1.33 -0.10 4.99
CA ALA B 55 2.41 -0.88 4.37
C ALA B 55 2.95 -1.99 5.28
N ASN B 56 3.07 -1.68 6.57
CA ASN B 56 3.50 -2.66 7.58
CA ASN B 56 3.47 -2.64 7.61
C ASN B 56 2.56 -3.86 7.68
N TYR B 57 1.27 -3.60 7.86
CA TYR B 57 0.29 -4.71 7.91
C TYR B 57 0.34 -5.49 6.64
N THR B 58 0.48 -4.77 5.53
CA THR B 58 0.48 -5.41 4.22
C THR B 58 1.68 -6.34 4.05
N THR B 59 2.88 -5.89 4.37
CA THR B 59 4.04 -6.76 4.15
C THR B 59 4.06 -7.88 5.16
N ASN B 60 3.51 -7.64 6.36
CA ASN B 60 3.34 -8.70 7.36
C ASN B 60 2.42 -9.80 6.81
N ALA B 61 1.38 -9.40 6.07
CA ALA B 61 0.46 -10.35 5.43
C ALA B 61 1.23 -11.06 4.34
N LEU B 62 1.98 -10.30 3.53
CA LEU B 62 2.80 -10.90 2.47
C LEU B 62 3.81 -11.90 3.04
N PHE B 63 4.51 -11.49 4.09
CA PHE B 63 5.45 -12.42 4.74
C PHE B 63 4.82 -13.79 5.07
N LEU B 64 3.65 -13.78 5.70
CA LEU B 64 3.04 -15.03 6.17
C LEU B 64 2.47 -15.86 4.99
N LEU B 65 1.88 -15.21 3.97
CA LEU B 65 1.46 -15.95 2.74
C LEU B 65 2.65 -16.64 2.08
N ASN B 66 3.72 -15.89 1.86
CA ASN B 66 4.95 -16.40 1.29
C ASN B 66 5.57 -17.56 2.08
N LYS B 67 5.61 -17.42 3.41
CA LYS B 67 6.19 -18.48 4.24
C LYS B 67 5.41 -19.80 4.11
N GLU B 68 4.09 -19.71 4.28
CA GLU B 68 3.23 -20.89 4.19
C GLU B 68 3.19 -21.44 2.77
N GLU B 69 3.22 -20.55 1.77
CA GLU B 69 3.23 -21.03 0.40
C GLU B 69 4.43 -21.94 0.15
N SER B 70 5.60 -21.48 0.59
CA SER B 70 6.84 -22.24 0.41
C SER B 70 6.79 -23.58 1.16
N GLU B 71 6.26 -23.58 2.38
CA GLU B 71 6.00 -24.85 3.11
C GLU B 71 5.04 -25.76 2.36
N ILE B 72 3.91 -25.21 1.91
CA ILE B 72 2.93 -26.00 1.13
C ILE B 72 3.67 -26.60 -0.07
N ARG B 73 4.38 -25.75 -0.82
CA ARG B 73 5.14 -26.18 -1.98
C ARG B 73 6.08 -27.37 -1.66
N ASP B 74 6.80 -27.29 -0.54
CA ASP B 74 7.75 -28.36 -0.14
C ASP B 74 7.01 -29.69 -0.04
N HIS B 75 5.83 -29.67 0.58
CA HIS B 75 5.04 -30.90 0.77
C HIS B 75 4.46 -31.44 -0.56
N VAL B 76 3.93 -30.56 -1.40
CA VAL B 76 3.42 -30.95 -2.70
C VAL B 76 4.50 -31.62 -3.58
N VAL B 77 5.71 -31.05 -3.59
CA VAL B 77 6.81 -31.64 -4.35
C VAL B 77 7.16 -33.04 -3.83
N GLU B 78 7.21 -33.21 -2.51
CA GLU B 78 7.37 -34.56 -1.91
C GLU B 78 6.18 -35.45 -2.28
N HIS B 79 4.97 -34.91 -2.22
CA HIS B 79 3.77 -35.70 -2.53
C HIS B 79 3.79 -36.22 -3.96
N GLU B 80 4.39 -35.46 -4.87
CA GLU B 80 4.47 -35.89 -6.26
C GLU B 80 5.43 -37.07 -6.41
N LEU B 81 6.57 -36.99 -5.74
CA LEU B 81 7.54 -38.07 -5.68
C LEU B 81 6.93 -39.35 -5.09
N ALA B 82 6.21 -39.20 -3.99
CA ALA B 82 5.52 -40.33 -3.35
C ALA B 82 4.42 -40.91 -4.24
N LEU B 83 3.77 -40.07 -5.04
CA LEU B 83 2.73 -40.53 -5.96
C LEU B 83 3.32 -41.19 -7.20
N ASN B 84 4.37 -40.58 -7.74
CA ASN B 84 5.13 -41.13 -8.87
C ASN B 84 5.67 -42.53 -8.57
N TYR B 85 6.03 -42.74 -7.30
CA TYR B 85 6.43 -44.04 -6.76
C TYR B 85 5.25 -45.02 -6.83
N LEU B 86 4.14 -44.66 -6.19
CA LEU B 86 2.96 -45.51 -6.10
C LEU B 86 2.29 -45.79 -7.45
N LEU B 87 2.82 -45.19 -8.50
CA LEU B 87 2.24 -45.30 -9.83
C LEU B 87 3.27 -45.73 -10.88
N ALA B 88 4.43 -46.18 -10.40
CA ALA B 88 5.58 -46.50 -11.27
C ALA B 88 5.30 -47.50 -12.40
N HIS B 89 4.56 -48.56 -12.08
CA HIS B 89 4.15 -49.56 -13.08
C HIS B 89 3.34 -48.96 -14.22
N GLN B 90 2.49 -47.98 -13.90
CA GLN B 90 1.63 -47.33 -14.89
C GLN B 90 2.21 -46.01 -15.41
N GLY B 91 3.52 -45.84 -15.27
CA GLY B 91 4.24 -44.69 -15.82
C GLY B 91 4.26 -43.45 -14.93
N GLY B 92 4.23 -43.65 -13.62
CA GLY B 92 4.25 -42.55 -12.65
C GLY B 92 2.98 -41.71 -12.68
N LEU B 93 3.12 -40.43 -12.36
CA LEU B 93 1.99 -39.50 -12.38
C LEU B 93 1.61 -39.08 -13.81
N CYS B 94 2.60 -38.54 -14.53
CA CYS B 94 2.35 -37.90 -15.83
C CYS B 94 1.96 -38.83 -16.97
N ASN B 95 1.61 -40.07 -16.62
CA ASN B 95 1.03 -41.01 -17.56
C ASN B 95 -0.40 -41.40 -17.16
N VAL B 96 -0.69 -41.34 -15.86
CA VAL B 96 -2.01 -41.74 -15.34
C VAL B 96 -3.01 -40.59 -15.17
N VAL B 97 -2.51 -39.35 -15.20
CA VAL B 97 -3.38 -38.16 -15.09
C VAL B 97 -3.64 -37.46 -16.43
N LYS B 98 -2.69 -37.61 -17.36
CA LYS B 98 -2.80 -37.09 -18.73
C LYS B 98 -3.01 -35.57 -18.83
N GLY B 99 -1.93 -34.85 -19.14
CA GLY B 99 -1.99 -33.39 -19.29
C GLY B 99 -1.03 -32.85 -20.34
N PRO B 100 -1.39 -31.72 -20.98
CA PRO B 100 -0.55 -31.03 -21.98
C PRO B 100 0.78 -30.49 -21.41
N MET B 101 0.85 -30.34 -20.09
CA MET B 101 2.07 -29.99 -19.37
C MET B 101 2.02 -30.47 -17.91
N CYS B 102 1.85 -31.78 -17.72
CA CYS B 102 1.78 -32.38 -16.39
C CYS B 102 3.06 -32.18 -15.57
N SER B 103 4.19 -32.44 -16.22
CA SER B 103 5.50 -32.48 -15.54
C SER B 103 6.11 -31.10 -15.22
N SER B 104 5.44 -30.02 -15.61
CA SER B 104 5.90 -28.66 -15.34
C SER B 104 6.09 -28.41 -13.84
N ASP B 105 7.33 -28.12 -13.45
CA ASP B 105 7.72 -27.86 -12.05
C ASP B 105 6.98 -26.71 -11.40
N ILE B 106 7.01 -26.67 -10.07
CA ILE B 106 6.41 -25.57 -9.32
C ILE B 106 7.49 -24.55 -8.99
N ASP B 107 7.31 -23.32 -9.48
CA ASP B 107 8.18 -22.20 -9.17
C ASP B 107 8.29 -22.02 -7.66
N ASP B 108 9.41 -21.47 -7.23
CA ASP B 108 9.58 -21.15 -5.84
C ASP B 108 10.05 -19.71 -5.86
N PHE B 109 9.11 -18.81 -5.61
CA PHE B 109 9.38 -17.40 -5.69
C PHE B 109 9.63 -16.83 -4.30
N SER B 110 9.87 -17.68 -3.28
CA SER B 110 9.84 -17.18 -1.91
C SER B 110 10.89 -16.11 -1.65
N LYS B 111 12.07 -16.30 -2.23
CA LYS B 111 13.13 -15.29 -2.11
C LYS B 111 12.85 -13.97 -2.86
N ASN B 112 12.27 -14.06 -4.06
CA ASN B 112 11.81 -12.85 -4.78
C ASN B 112 10.77 -12.05 -4.01
N VAL B 113 9.82 -12.75 -3.40
CA VAL B 113 8.82 -12.10 -2.55
C VAL B 113 9.48 -11.46 -1.30
N SER B 114 10.35 -12.21 -0.63
CA SER B 114 11.13 -11.61 0.48
C SER B 114 11.88 -10.35 0.06
N ASP B 115 12.47 -10.34 -1.16
CA ASP B 115 13.21 -9.17 -1.68
CA ASP B 115 13.22 -9.16 -1.62
C ASP B 115 12.27 -7.96 -1.80
N MET B 116 11.04 -8.23 -2.25
CA MET B 116 10.03 -7.18 -2.37
C MET B 116 9.69 -6.63 -1.00
N ILE B 117 9.49 -7.51 -0.03
CA ILE B 117 9.16 -7.11 1.36
C ILE B 117 10.29 -6.23 1.93
N ASP B 118 11.54 -6.66 1.73
CA ASP B 118 12.74 -5.85 2.05
C ASP B 118 12.73 -4.48 1.42
N LYS B 119 12.36 -4.42 0.13
CA LYS B 119 12.22 -3.15 -0.57
C LYS B 119 11.13 -2.24 0.04
N VAL B 120 9.94 -2.79 0.36
CA VAL B 120 8.89 -1.99 1.04
C VAL B 120 9.50 -1.49 2.38
N HIS B 121 10.12 -2.39 3.15
CA HIS B 121 10.69 -2.02 4.45
C HIS B 121 11.74 -0.92 4.30
N GLU B 122 12.56 -0.99 3.26
CA GLU B 122 13.58 0.05 3.02
C GLU B 122 12.93 1.38 2.65
N GLU B 123 11.85 1.35 1.87
CA GLU B 123 11.11 2.56 1.55
C GLU B 123 10.51 3.25 2.78
N MET B 124 10.02 2.44 3.71
CA MET B 124 9.40 2.95 4.93
C MET B 124 10.43 3.48 5.94
N LYS B 125 11.66 2.96 5.89
CA LYS B 125 12.76 3.54 6.65
C LYS B 125 12.96 5.01 6.32
N LYS B 126 12.82 5.36 5.03
CA LYS B 126 13.07 6.72 4.56
C LYS B 126 12.09 7.78 5.06
N PHE B 127 10.94 7.35 5.57
CA PHE B 127 9.98 8.26 6.21
C PHE B 127 10.54 8.85 7.50
N TYR B 128 11.49 8.15 8.12
CA TYR B 128 12.05 8.59 9.38
C TYR B 128 13.22 9.53 9.14
N HIS B 129 13.34 10.01 7.90
CA HIS B 129 14.37 10.98 7.52
C HIS B 129 13.77 12.24 6.91
N GLU B 130 12.50 12.51 7.22
CA GLU B 130 11.80 13.71 6.75
C GLU B 130 10.75 14.19 7.75
N HIS C 7 5.07 69.44 15.71
CA HIS C 7 3.61 69.21 15.91
C HIS C 7 2.95 68.73 14.62
N GLU C 8 2.85 69.62 13.64
CA GLU C 8 2.16 69.35 12.37
C GLU C 8 2.89 68.30 11.52
N ASN C 9 4.21 68.31 11.62
CA ASN C 9 5.10 67.57 10.71
C ASN C 9 5.40 66.13 11.12
N LEU C 10 5.16 65.82 12.39
CA LEU C 10 5.43 64.48 12.92
C LEU C 10 4.20 63.59 12.89
N TYR C 11 3.02 64.19 12.99
CA TYR C 11 1.74 63.46 12.86
C TYR C 11 1.53 62.93 11.43
N PHE C 12 2.56 63.06 10.60
CA PHE C 12 2.61 62.45 9.28
C PHE C 12 3.78 61.48 9.17
N GLN C 13 4.97 61.98 9.52
CA GLN C 13 6.20 61.20 9.36
C GLN C 13 6.27 59.95 10.26
N GLY C 14 5.93 60.12 11.54
CA GLY C 14 5.87 59.01 12.49
C GLY C 14 4.95 57.89 12.03
N ASN C 15 3.78 58.26 11.53
CA ASN C 15 2.83 57.29 10.96
C ASN C 15 3.39 56.53 9.77
N MET C 16 3.94 57.28 8.81
CA MET C 16 4.48 56.68 7.60
C MET C 16 5.60 55.68 7.90
N LYS C 17 6.37 55.96 8.95
CA LYS C 17 7.47 55.10 9.34
C LYS C 17 6.97 53.79 9.97
N GLN C 18 5.86 53.86 10.71
CA GLN C 18 5.27 52.65 11.29
C GLN C 18 4.48 51.86 10.24
N ILE C 19 3.97 52.57 9.24
CA ILE C 19 3.37 51.91 8.07
C ILE C 19 4.45 51.14 7.30
N GLU C 20 5.57 51.80 7.02
CA GLU C 20 6.69 51.16 6.33
C GLU C 20 7.23 49.96 7.09
N ASP C 21 7.47 50.15 8.39
CA ASP C 21 8.03 49.09 9.25
C ASP C 21 7.12 47.87 9.37
N LYS C 22 5.80 48.09 9.26
CA LYS C 22 4.84 46.98 9.22
C LYS C 22 4.92 46.26 7.87
N ILE C 23 4.97 47.05 6.79
CA ILE C 23 5.14 46.53 5.43
C ILE C 23 6.42 45.72 5.30
N GLU C 24 7.43 46.08 6.10
CA GLU C 24 8.66 45.30 6.20
C GLU C 24 8.38 43.90 6.77
N GLU C 25 7.70 43.84 7.92
CA GLU C 25 7.40 42.56 8.58
C GLU C 25 6.47 41.68 7.73
N ILE C 26 5.56 42.32 6.99
CA ILE C 26 4.67 41.60 6.11
C ILE C 26 5.44 40.92 4.97
N LEU C 27 6.32 41.67 4.30
CA LEU C 27 7.18 41.09 3.27
C LEU C 27 8.00 39.92 3.81
N SER C 28 8.36 40.02 5.09
CA SER C 28 9.06 38.95 5.78
C SER C 28 8.17 37.72 6.01
N LYS C 29 7.02 37.90 6.67
CA LYS C 29 6.13 36.78 6.97
C LYS C 29 5.74 36.05 5.68
N ILE C 30 5.50 36.83 4.62
CA ILE C 30 5.24 36.30 3.27
C ILE C 30 6.39 35.44 2.77
N TYR C 31 7.62 35.96 2.88
CA TYR C 31 8.83 35.23 2.49
C TYR C 31 8.91 33.87 3.21
N HIS C 32 8.62 33.87 4.50
CA HIS C 32 8.62 32.65 5.30
C HIS C 32 7.52 31.67 4.88
N ILE C 33 6.34 32.20 4.53
CA ILE C 33 5.23 31.40 4.03
C ILE C 33 5.60 30.69 2.72
N GLU C 34 6.12 31.46 1.77
CA GLU C 34 6.61 30.94 0.49
C GLU C 34 7.67 29.83 0.66
N ASN C 35 8.52 29.96 1.68
CA ASN C 35 9.46 28.90 2.02
C ASN C 35 8.75 27.62 2.51
N GLU C 36 7.77 27.79 3.39
CA GLU C 36 7.01 26.65 3.93
C GLU C 36 6.21 25.96 2.84
N ILE C 37 5.64 26.74 1.94
CA ILE C 37 4.93 26.23 0.78
C ILE C 37 5.83 25.37 -0.12
N ALA C 38 7.07 25.84 -0.35
CA ALA C 38 8.01 25.07 -1.16
C ALA C 38 8.41 23.74 -0.51
N ARG C 39 8.49 23.72 0.82
CA ARG C 39 8.84 22.51 1.54
C ARG C 39 7.68 21.52 1.65
N ILE C 40 6.47 22.05 1.61
CA ILE C 40 5.24 21.25 1.60
C ILE C 40 5.12 20.60 0.23
N LYS C 41 5.43 21.34 -0.83
CA LYS C 41 5.31 20.82 -2.21
C LYS C 41 6.29 19.70 -2.49
N LYS C 42 7.55 19.93 -2.12
CA LYS C 42 8.59 18.89 -2.16
C LYS C 42 8.15 17.64 -1.38
N LEU C 43 7.67 17.84 -0.15
CA LEU C 43 7.22 16.74 0.73
C LEU C 43 6.10 15.89 0.14
N ILE C 44 5.13 16.54 -0.50
CA ILE C 44 4.04 15.83 -1.20
C ILE C 44 4.63 15.00 -2.34
N GLY C 45 5.58 15.59 -3.06
CA GLY C 45 6.32 14.91 -4.14
C GLY C 45 7.00 13.61 -3.70
N ALA C 46 7.66 13.63 -2.53
CA ALA C 46 8.31 12.44 -1.96
C ALA C 46 7.31 11.41 -1.48
N ILE C 47 6.19 11.87 -0.92
CA ILE C 47 5.10 10.95 -0.51
C ILE C 47 4.51 10.18 -1.70
N ALA C 48 4.21 10.92 -2.77
CA ALA C 48 3.72 10.32 -4.01
C ALA C 48 4.72 9.29 -4.59
N SER C 49 6.01 9.65 -4.64
CA SER C 49 7.02 8.67 -5.07
C SER C 49 7.06 7.43 -4.15
N LYS C 50 7.00 7.64 -2.84
CA LYS C 50 7.00 6.50 -1.92
C LYS C 50 5.74 5.61 -2.06
N ILE C 51 4.61 6.21 -2.44
CA ILE C 51 3.39 5.43 -2.67
C ILE C 51 3.54 4.55 -3.94
N ILE C 52 3.98 5.16 -5.04
CA ILE C 52 4.21 4.46 -6.32
C ILE C 52 5.21 3.29 -6.15
N LYS C 53 6.34 3.57 -5.51
CA LYS C 53 7.34 2.52 -5.29
C LYS C 53 6.79 1.41 -4.44
N THR C 54 6.24 1.75 -3.29
CA THR C 54 5.68 0.70 -2.37
C THR C 54 4.53 -0.14 -2.98
N ALA C 55 3.63 0.52 -3.73
CA ALA C 55 2.61 -0.21 -4.50
C ALA C 55 3.22 -1.12 -5.56
N ASN C 56 4.24 -0.64 -6.26
CA ASN C 56 4.97 -1.48 -7.23
C ASN C 56 5.56 -2.77 -6.61
N TYR C 57 6.21 -2.63 -5.46
CA TYR C 57 6.82 -3.82 -4.83
C TYR C 57 5.75 -4.76 -4.31
N THR C 58 4.74 -4.17 -3.68
CA THR C 58 3.60 -4.96 -3.21
C THR C 58 2.86 -5.69 -4.32
N THR C 59 2.61 -5.03 -5.46
CA THR C 59 1.98 -5.76 -6.58
C THR C 59 2.83 -6.84 -7.19
N ASN C 60 4.14 -6.62 -7.26
CA ASN C 60 5.06 -7.65 -7.69
C ASN C 60 5.04 -8.86 -6.75
N ALA C 61 4.99 -8.62 -5.44
CA ALA C 61 4.85 -9.75 -4.51
C ALA C 61 3.54 -10.48 -4.75
N LEU C 62 2.43 -9.72 -4.89
CA LEU C 62 1.13 -10.33 -5.15
C LEU C 62 1.14 -11.16 -6.40
N PHE C 63 1.74 -10.59 -7.46
CA PHE C 63 1.86 -11.29 -8.72
C PHE C 63 2.57 -12.66 -8.60
N LEU C 64 3.66 -12.70 -7.84
CA LEU C 64 4.43 -13.94 -7.66
C LEU C 64 3.70 -14.92 -6.76
N LEU C 65 3.29 -14.45 -5.57
CA LEU C 65 2.41 -15.30 -4.73
C LEU C 65 1.26 -15.93 -5.53
N ASN C 66 0.64 -15.14 -6.40
CA ASN C 66 -0.55 -15.59 -7.17
C ASN C 66 -0.20 -16.67 -8.20
N LYS C 67 0.87 -16.42 -8.96
CA LYS C 67 1.32 -17.34 -10.00
C LYS C 67 1.69 -18.70 -9.40
N GLU C 68 2.47 -18.67 -8.32
CA GLU C 68 2.89 -19.90 -7.65
C GLU C 68 1.70 -20.58 -6.97
N GLU C 69 0.78 -19.79 -6.45
CA GLU C 69 -0.41 -20.37 -5.81
C GLU C 69 -1.24 -21.13 -6.85
N SER C 70 -1.35 -20.55 -8.04
CA SER C 70 -2.02 -21.19 -9.18
C SER C 70 -1.38 -22.55 -9.54
N GLU C 71 -0.06 -22.55 -9.74
CA GLU C 71 0.68 -23.80 -10.04
C GLU C 71 0.51 -24.87 -8.97
N ILE C 72 0.70 -24.51 -7.71
CA ILE C 72 0.44 -25.42 -6.57
C ILE C 72 -0.96 -26.04 -6.69
N ARG C 73 -1.97 -25.20 -6.90
CA ARG C 73 -3.34 -25.66 -6.95
C ARG C 73 -3.48 -26.64 -8.08
N ASP C 74 -2.90 -26.32 -9.25
CA ASP C 74 -2.95 -27.24 -10.39
C ASP C 74 -2.42 -28.62 -9.98
N HIS C 75 -1.26 -28.65 -9.31
CA HIS C 75 -0.63 -29.89 -8.84
C HIS C 75 -1.41 -30.61 -7.73
N VAL C 76 -1.96 -29.87 -6.78
CA VAL C 76 -2.89 -30.46 -5.80
C VAL C 76 -4.13 -31.14 -6.44
N VAL C 77 -4.70 -30.52 -7.49
CA VAL C 77 -5.80 -31.14 -8.26
C VAL C 77 -5.37 -32.48 -8.89
N GLU C 78 -4.23 -32.49 -9.59
CA GLU C 78 -3.64 -33.74 -10.10
C GLU C 78 -3.60 -34.80 -8.98
N HIS C 79 -3.00 -34.43 -7.85
CA HIS C 79 -2.81 -35.37 -6.73
C HIS C 79 -4.14 -35.90 -6.22
N GLU C 80 -5.16 -35.04 -6.22
CA GLU C 80 -6.50 -35.41 -5.76
C GLU C 80 -7.08 -36.53 -6.62
N LEU C 81 -6.90 -36.42 -7.94
CA LEU C 81 -7.29 -37.47 -8.88
C LEU C 81 -6.46 -38.75 -8.74
N ALA C 82 -5.15 -38.59 -8.60
CA ALA C 82 -4.25 -39.72 -8.39
C ALA C 82 -4.63 -40.49 -7.13
N LEU C 83 -4.80 -39.77 -6.02
CA LEU C 83 -5.20 -40.36 -4.75
C LEU C 83 -6.65 -40.89 -4.73
N ASN C 84 -7.42 -40.53 -5.74
CA ASN C 84 -8.78 -41.05 -5.91
C ASN C 84 -8.79 -42.30 -6.77
N TYR C 85 -7.72 -42.46 -7.54
CA TYR C 85 -7.49 -43.63 -8.35
C TYR C 85 -6.88 -44.75 -7.50
N LEU C 86 -5.94 -44.38 -6.64
CA LEU C 86 -5.25 -45.35 -5.78
C LEU C 86 -6.15 -45.92 -4.67
N LEU C 87 -7.01 -45.07 -4.11
CA LEU C 87 -7.90 -45.46 -3.03
C LEU C 87 -9.32 -45.82 -3.53
N ALA C 88 -9.45 -46.06 -4.83
CA ALA C 88 -10.76 -46.18 -5.51
C ALA C 88 -11.62 -47.35 -5.01
N HIS C 89 -11.02 -48.54 -5.00
CA HIS C 89 -11.71 -49.74 -4.52
CA HIS C 89 -11.65 -49.77 -4.50
C HIS C 89 -12.14 -49.60 -3.05
N GLN C 90 -11.51 -48.67 -2.34
CA GLN C 90 -11.84 -48.39 -0.95
C GLN C 90 -12.76 -47.17 -0.80
N GLY C 91 -13.39 -46.77 -1.90
CA GLY C 91 -14.38 -45.68 -1.89
C GLY C 91 -13.82 -44.30 -2.22
N GLY C 92 -12.67 -44.26 -2.88
CA GLY C 92 -12.02 -43.01 -3.24
C GLY C 92 -11.34 -42.34 -2.05
N LEU C 93 -11.16 -41.03 -2.15
CA LEU C 93 -10.50 -40.23 -1.10
C LEU C 93 -11.51 -39.67 -0.09
N CYS C 94 -12.73 -39.38 -0.55
CA CYS C 94 -13.75 -38.76 0.31
C CYS C 94 -14.36 -39.71 1.34
N ASN C 95 -14.25 -41.01 1.07
CA ASN C 95 -14.76 -42.02 2.00
C ASN C 95 -13.71 -42.43 3.03
N VAL C 96 -12.46 -42.53 2.59
CA VAL C 96 -11.34 -42.98 3.43
C VAL C 96 -10.87 -41.88 4.40
N VAL C 97 -10.73 -40.65 3.91
CA VAL C 97 -10.23 -39.52 4.71
C VAL C 97 -11.24 -39.06 5.78
N LYS C 98 -12.52 -39.07 5.43
CA LYS C 98 -13.61 -38.66 6.34
C LYS C 98 -13.54 -37.17 6.71
N GLY C 99 -14.32 -36.36 6.01
CA GLY C 99 -14.40 -34.93 6.29
C GLY C 99 -15.79 -34.37 6.07
N PRO C 100 -16.20 -33.37 6.88
CA PRO C 100 -17.53 -32.74 6.78
C PRO C 100 -17.76 -32.10 5.41
N MET C 101 -16.68 -32.00 4.65
CA MET C 101 -16.70 -31.58 3.25
C MET C 101 -15.65 -32.39 2.46
N CYS C 102 -14.50 -32.61 3.09
CA CYS C 102 -13.36 -33.40 2.55
C CYS C 102 -12.91 -32.98 1.15
N SER C 103 -13.30 -33.76 0.14
CA SER C 103 -12.90 -33.53 -1.24
C SER C 103 -13.65 -32.35 -1.86
N SER C 104 -13.64 -31.22 -1.16
CA SER C 104 -14.22 -29.98 -1.67
C SER C 104 -13.40 -29.48 -2.86
N ASP C 105 -14.06 -28.73 -3.75
CA ASP C 105 -13.37 -28.11 -4.87
C ASP C 105 -12.50 -26.98 -4.37
N ILE C 106 -11.41 -26.73 -5.08
CA ILE C 106 -10.50 -25.68 -4.68
C ILE C 106 -10.76 -24.43 -5.52
N ASP C 107 -11.14 -23.35 -4.85
CA ASP C 107 -11.28 -22.04 -5.50
C ASP C 107 -10.03 -21.66 -6.27
N ASP C 108 -10.24 -21.11 -7.45
CA ASP C 108 -9.13 -20.62 -8.25
C ASP C 108 -9.32 -19.13 -8.42
N PHE C 109 -8.66 -18.34 -7.57
CA PHE C 109 -8.85 -16.92 -7.62
C PHE C 109 -7.76 -16.20 -8.42
N SER C 110 -7.02 -16.91 -9.27
CA SER C 110 -5.84 -16.27 -9.94
C SER C 110 -6.27 -15.09 -10.82
N LYS C 111 -7.39 -15.25 -11.55
CA LYS C 111 -7.87 -14.17 -12.41
C LYS C 111 -8.40 -13.00 -11.60
N ASN C 112 -9.02 -13.31 -10.46
CA ASN C 112 -9.51 -12.25 -9.56
C ASN C 112 -8.37 -11.53 -8.91
N VAL C 113 -7.32 -12.26 -8.54
CA VAL C 113 -6.13 -11.60 -8.03
C VAL C 113 -5.45 -10.74 -9.10
N SER C 114 -5.31 -11.24 -10.32
CA SER C 114 -4.69 -10.45 -11.41
C SER C 114 -5.48 -9.16 -11.70
N ASP C 115 -6.82 -9.28 -11.60
CA ASP C 115 -7.71 -8.13 -11.66
C ASP C 115 -7.28 -7.06 -10.66
N MET C 116 -7.01 -7.44 -9.41
CA MET C 116 -6.65 -6.46 -8.37
C MET C 116 -5.31 -5.85 -8.66
N ILE C 117 -4.42 -6.66 -9.22
CA ILE C 117 -3.12 -6.18 -9.64
C ILE C 117 -3.22 -5.09 -10.70
N ASP C 118 -3.92 -5.39 -11.82
CA ASP C 118 -4.31 -4.39 -12.84
C ASP C 118 -4.87 -3.09 -12.29
N LYS C 119 -5.83 -3.19 -11.37
CA LYS C 119 -6.45 -2.00 -10.79
C LYS C 119 -5.47 -1.13 -9.99
N VAL C 120 -4.49 -1.76 -9.34
CA VAL C 120 -3.48 -0.94 -8.63
C VAL C 120 -2.55 -0.23 -9.61
N HIS C 121 -2.06 -0.97 -10.61
CA HIS C 121 -1.30 -0.37 -11.68
C HIS C 121 -2.06 0.79 -12.30
N GLU C 122 -3.36 0.61 -12.48
CA GLU C 122 -4.22 1.69 -12.97
C GLU C 122 -4.26 2.92 -12.09
N GLU C 123 -4.37 2.76 -10.77
CA GLU C 123 -4.30 3.94 -9.90
C GLU C 123 -2.94 4.61 -10.01
N MET C 124 -1.88 3.81 -10.11
CA MET C 124 -0.54 4.38 -10.06
C MET C 124 -0.26 5.13 -11.35
N LYS C 125 -0.84 4.65 -12.44
CA LYS C 125 -0.72 5.37 -13.70
C LYS C 125 -1.07 6.83 -13.59
N LYS C 126 -2.12 7.15 -12.81
CA LYS C 126 -2.69 8.53 -12.76
C LYS C 126 -1.77 9.57 -12.13
N PHE C 127 -0.81 9.09 -11.35
CA PHE C 127 0.20 9.95 -10.74
C PHE C 127 1.08 10.55 -11.84
N TYR C 128 1.12 9.90 -12.98
CA TYR C 128 1.90 10.45 -14.07
C TYR C 128 1.08 11.43 -14.88
N HIS C 129 -0.19 11.59 -14.52
CA HIS C 129 -1.14 12.36 -15.35
C HIS C 129 -1.66 13.60 -14.64
N GLU C 130 -1.07 13.89 -13.49
CA GLU C 130 -1.42 15.06 -12.69
C GLU C 130 -0.36 16.16 -12.79
#